data_6QW5
#
_entry.id   6QW5
#
_cell.length_a   101.957
_cell.length_b   106.209
_cell.length_c   58.623
_cell.angle_alpha   90.00
_cell.angle_beta   90.00
_cell.angle_gamma   90.00
#
_symmetry.space_group_name_H-M   'P 21 21 2'
#
loop_
_entity.id
_entity.type
_entity.pdbx_description
1 polymer 'RNA-dependent RNA polymerase'
2 non-polymer 'MANGANESE (II) ION'
3 non-polymer '2-4-DIOXO-4-PHENYLBUTANOIC ACID'
4 non-polymer 'SULFATE ION'
5 water water
#
_entity_poly.entity_id   1
_entity_poly.type   'polypeptide(L)'
_entity_poly.pdbx_seq_one_letter_code
;G(MSE)ERILKKQPAPVRALTIHPLRRYESSIYDTPIPAYVIKHSSDGVTIDIATSELADGQSGSTIQPFESVPAQNLTL
FKHDFTFGHLADTTDKKFVEVFGVLENRADDSDFQSPD(MSE)IIETETGHVYVVEFTTT(MSE)GDANSADLAARNKIA
KYEIACLDRSAIKPISLYIIAVHFNGVVSNLDLSDEEVNEIVFRFRLARDIFEELREINPALFD
;
_entity_poly.pdbx_strand_id   A,B
#
# COMPACT_ATOMS: atom_id res chain seq x y z
N GLU A 3 -10.76 -8.55 32.97
CA GLU A 3 -11.53 -7.88 31.91
C GLU A 3 -10.85 -6.57 31.50
N ARG A 4 -10.68 -6.39 30.19
CA ARG A 4 -9.85 -5.31 29.64
C ARG A 4 -10.75 -4.24 29.03
N ILE A 5 -10.74 -3.06 29.63
CA ILE A 5 -11.71 -2.04 29.24
C ILE A 5 -11.36 -1.42 27.88
N LEU A 6 -10.08 -1.43 27.50
CA LEU A 6 -9.69 -0.85 26.22
C LEU A 6 -10.27 -1.65 25.05
N LYS A 7 -10.78 -2.87 25.27
CA LYS A 7 -11.48 -3.60 24.23
C LYS A 7 -12.93 -3.16 24.06
N LYS A 8 -13.41 -2.18 24.83
CA LYS A 8 -14.81 -1.77 24.80
C LYS A 8 -15.02 -0.41 24.15
N GLN A 9 -14.13 0.02 23.29
CA GLN A 9 -14.19 1.33 22.66
C GLN A 9 -15.00 1.30 21.38
N PRO A 10 -15.50 2.45 20.93
CA PRO A 10 -16.12 2.53 19.60
C PRO A 10 -15.12 2.10 18.53
N ALA A 11 -15.66 1.69 17.38
CA ALA A 11 -14.83 1.06 16.36
C ALA A 11 -13.96 2.11 15.65
N PRO A 12 -12.69 1.79 15.40
CA PRO A 12 -11.84 2.71 14.62
C PRO A 12 -12.16 2.59 13.14
N VAL A 13 -11.62 3.54 12.37
CA VAL A 13 -11.76 3.48 10.92
C VAL A 13 -11.08 2.23 10.40
N ARG A 14 -11.80 1.46 9.59
CA ARG A 14 -11.27 0.23 9.01
C ARG A 14 -10.60 0.57 7.68
N ALA A 15 -9.27 0.71 7.71
CA ALA A 15 -8.52 1.07 6.52
C ALA A 15 -7.05 0.68 6.72
N LEU A 16 -6.31 0.68 5.62
CA LEU A 16 -4.89 0.38 5.64
C LEU A 16 -4.10 1.69 5.70
N THR A 17 -3.21 1.78 6.69
CA THR A 17 -2.32 2.92 6.84
C THR A 17 -0.89 2.49 6.52
N ILE A 18 -0.21 3.28 5.69
CA ILE A 18 1.21 3.06 5.40
C ILE A 18 1.92 4.38 5.63
N HIS A 19 2.76 4.46 6.67
CA HIS A 19 3.62 5.62 6.85
C HIS A 19 4.73 5.63 5.80
N PRO A 20 5.22 6.80 5.41
CA PRO A 20 6.22 6.85 4.33
C PRO A 20 7.58 6.29 4.76
N LEU A 21 8.27 5.66 3.81
CA LEU A 21 9.61 5.15 4.06
C LEU A 21 10.59 6.31 4.21
N ARG A 22 11.56 6.12 5.11
CA ARG A 22 12.63 7.07 5.37
C ARG A 22 13.97 6.35 5.28
N ARG A 23 15.01 7.08 4.84
CA ARG A 23 16.37 6.55 4.82
C ARG A 23 17.10 6.93 6.10
N TYR A 24 17.73 5.95 6.73
CA TYR A 24 18.54 6.18 7.92
C TYR A 24 19.98 5.74 7.63
N GLU A 25 20.94 6.50 8.16
CA GLU A 25 22.36 6.15 8.03
C GLU A 25 22.90 5.70 9.37
N SER A 26 23.65 4.60 9.35
CA SER A 26 24.31 4.14 10.56
C SER A 26 25.39 5.14 10.99
N SER A 27 25.63 5.21 12.29
CA SER A 27 26.70 6.04 12.83
C SER A 27 27.56 5.21 13.78
N ILE A 28 27.94 4.03 13.31
CA ILE A 28 28.80 3.13 14.06
C ILE A 28 30.23 3.53 13.71
N TYR A 29 30.81 4.37 14.56
CA TYR A 29 32.12 4.95 14.28
C TYR A 29 33.13 4.15 15.07
N ASP A 30 33.70 3.14 14.40
CA ASP A 30 34.84 2.38 14.91
C ASP A 30 34.54 1.86 16.32
N THR A 31 33.66 0.88 16.37
CA THR A 31 33.11 0.24 17.55
C THR A 31 33.62 -1.20 17.64
N PRO A 32 33.94 -1.70 18.84
CA PRO A 32 34.40 -3.09 18.97
C PRO A 32 33.36 -4.06 18.42
N ILE A 33 33.84 -5.05 17.67
CA ILE A 33 33.00 -6.10 17.13
C ILE A 33 33.40 -7.41 17.82
N PRO A 34 32.46 -8.16 18.38
CA PRO A 34 32.86 -9.34 19.18
C PRO A 34 33.36 -10.48 18.30
N ALA A 35 34.43 -11.12 18.78
CA ALA A 35 34.87 -12.40 18.23
C ALA A 35 33.75 -13.42 18.34
N TYR A 36 33.80 -14.44 17.48
CA TYR A 36 32.82 -15.51 17.59
C TYR A 36 33.48 -16.83 17.19
N VAL A 37 32.91 -17.91 17.72
CA VAL A 37 33.26 -19.28 17.34
C VAL A 37 31.95 -20.01 17.10
N ILE A 38 31.84 -20.74 16.00
CA ILE A 38 30.62 -21.48 15.69
C ILE A 38 30.72 -22.87 16.32
N LYS A 39 29.82 -23.17 17.25
CA LYS A 39 29.87 -24.39 18.05
C LYS A 39 28.89 -25.42 17.52
N HIS A 40 29.38 -26.63 17.30
CA HIS A 40 28.50 -27.72 16.88
C HIS A 40 27.54 -28.05 18.01
N SER A 41 26.30 -28.31 17.65
CA SER A 41 25.25 -28.57 18.63
C SER A 41 24.46 -29.80 18.20
N SER A 42 23.63 -30.30 19.12
CA SER A 42 22.72 -31.38 18.77
C SER A 42 21.73 -30.91 17.71
N ASP A 43 21.24 -29.67 17.82
CA ASP A 43 20.18 -29.11 16.99
C ASP A 43 20.71 -27.83 16.36
N GLY A 44 21.20 -27.91 15.12
CA GLY A 44 21.77 -26.74 14.49
C GLY A 44 23.10 -26.37 15.11
N VAL A 45 23.36 -25.07 15.25
CA VAL A 45 24.57 -24.60 15.89
C VAL A 45 24.24 -23.59 16.97
N THR A 46 25.26 -23.26 17.74
CA THR A 46 25.25 -22.19 18.73
C THR A 46 26.45 -21.30 18.41
N ILE A 47 26.21 -20.01 18.28
CA ILE A 47 27.29 -19.09 18.02
C ILE A 47 27.83 -18.63 19.37
N ASP A 48 29.09 -18.94 19.62
CA ASP A 48 29.74 -18.52 20.87
C ASP A 48 30.35 -17.16 20.61
N ILE A 49 29.73 -16.11 21.16
CA ILE A 49 30.07 -14.73 20.84
C ILE A 49 30.66 -14.07 22.08
N ALA A 50 31.80 -13.41 21.91
CA ALA A 50 32.54 -12.85 23.05
C ALA A 50 31.96 -11.48 23.43
N THR A 51 30.75 -11.52 24.01
CA THR A 51 30.08 -10.30 24.42
C THR A 51 30.81 -9.56 25.53
N SER A 52 31.67 -10.25 26.27
CA SER A 52 32.52 -9.56 27.24
C SER A 52 33.45 -8.54 26.58
N GLU A 53 33.73 -8.68 25.28
CA GLU A 53 34.58 -7.72 24.59
C GLU A 53 33.88 -6.38 24.35
N LEU A 54 32.57 -6.31 24.54
CA LEU A 54 31.83 -5.11 24.19
C LEU A 54 31.76 -4.16 25.37
N ALA A 55 31.69 -2.87 25.07
CA ALA A 55 31.52 -1.87 26.10
C ALA A 55 30.06 -1.78 26.50
N ASP A 56 29.82 -1.55 27.80
CA ASP A 56 28.45 -1.43 28.30
C ASP A 56 27.68 -0.40 27.49
N GLY A 57 26.51 -0.81 27.00
CA GLY A 57 25.66 0.08 26.25
C GLY A 57 26.10 0.43 24.85
N GLN A 58 27.21 -0.12 24.36
CA GLN A 58 27.61 0.12 22.97
C GLN A 58 26.65 -0.58 22.03
N SER A 59 26.73 -0.25 20.74
CA SER A 59 25.96 -0.99 19.75
C SER A 59 26.33 -2.47 19.83
N GLY A 60 25.32 -3.32 19.68
CA GLY A 60 25.48 -4.75 19.82
C GLY A 60 25.19 -5.30 21.19
N SER A 61 24.80 -4.45 22.14
CA SER A 61 24.53 -4.94 23.49
C SER A 61 23.30 -5.84 23.56
N THR A 62 22.46 -5.92 22.50
CA THR A 62 21.35 -6.87 22.48
C THR A 62 21.79 -8.28 22.09
N ILE A 63 23.04 -8.47 21.69
CA ILE A 63 23.50 -9.79 21.29
C ILE A 63 23.79 -10.62 22.52
N GLN A 64 23.42 -11.86 22.50
CA GLN A 64 23.54 -12.76 23.63
C GLN A 64 24.87 -13.52 23.59
N PRO A 65 25.42 -13.91 24.74
CA PRO A 65 26.70 -14.63 24.73
C PRO A 65 26.64 -15.89 23.92
N PHE A 66 25.48 -16.54 23.87
CA PHE A 66 25.29 -17.75 23.07
C PHE A 66 24.02 -17.57 22.27
N GLU A 67 24.18 -17.43 20.96
CA GLU A 67 23.07 -17.25 20.03
C GLU A 67 22.77 -18.62 19.43
N SER A 68 21.66 -19.21 19.87
CA SER A 68 21.24 -20.50 19.34
C SER A 68 20.73 -20.35 17.92
N VAL A 69 21.14 -21.26 17.05
CA VAL A 69 20.60 -21.30 15.70
C VAL A 69 20.16 -22.73 15.43
N PRO A 70 18.92 -23.09 15.79
CA PRO A 70 18.43 -24.45 15.50
C PRO A 70 18.46 -24.75 14.00
N ALA A 71 18.56 -26.04 13.69
CA ALA A 71 18.69 -26.48 12.30
C ALA A 71 17.63 -25.83 11.41
N GLN A 72 16.40 -25.73 11.89
CA GLN A 72 15.29 -25.23 11.09
C GLN A 72 15.38 -23.74 10.79
N ASN A 73 16.18 -22.99 11.55
CA ASN A 73 16.33 -21.55 11.32
C ASN A 73 17.63 -21.20 10.60
N LEU A 74 18.38 -22.21 10.12
CA LEU A 74 19.71 -21.96 9.57
C LEU A 74 19.66 -21.10 8.30
N THR A 75 18.78 -21.43 7.37
CA THR A 75 18.79 -20.75 6.07
C THR A 75 18.36 -19.29 6.19
N LEU A 76 17.64 -18.93 7.25
CA LEU A 76 17.23 -17.55 7.45
C LEU A 76 18.04 -16.87 8.55
N PHE A 77 19.22 -17.40 8.85
CA PHE A 77 20.04 -16.88 9.95
C PHE A 77 20.33 -15.39 9.78
N LYS A 78 20.81 -14.99 8.60
CA LYS A 78 21.15 -13.59 8.38
C LYS A 78 19.96 -12.68 8.63
N HIS A 79 18.82 -13.01 8.05
CA HIS A 79 17.57 -12.28 8.27
C HIS A 79 17.19 -12.33 9.75
N ASP A 80 17.19 -13.51 10.35
CA ASP A 80 16.64 -13.63 11.70
C ASP A 80 17.60 -13.13 12.78
N PHE A 81 18.91 -13.37 12.64
CA PHE A 81 19.84 -12.79 13.61
C PHE A 81 19.78 -11.27 13.61
N THR A 82 19.67 -10.67 12.42
CA THR A 82 19.67 -9.21 12.32
C THR A 82 18.55 -8.59 13.15
N PHE A 83 17.34 -9.14 13.04
CA PHE A 83 16.17 -8.59 13.71
C PHE A 83 15.75 -9.41 14.93
N GLY A 84 16.67 -10.19 15.50
CA GLY A 84 16.32 -11.06 16.62
C GLY A 84 16.02 -10.33 17.91
N HIS A 85 16.51 -9.10 18.06
CA HIS A 85 16.15 -8.33 19.25
C HIS A 85 14.74 -7.73 19.16
N LEU A 86 14.12 -7.76 17.98
CA LEU A 86 12.79 -7.18 17.78
C LEU A 86 11.69 -8.22 17.73
N ALA A 87 11.99 -9.41 17.22
CA ALA A 87 11.01 -10.49 17.15
C ALA A 87 11.70 -11.77 17.61
N ASP A 88 11.14 -12.39 18.66
CA ASP A 88 11.61 -13.71 19.10
C ASP A 88 11.74 -14.64 17.90
N THR A 89 10.65 -14.76 17.15
CA THR A 89 10.57 -15.54 15.93
C THR A 89 9.90 -14.64 14.89
N THR A 90 9.85 -15.10 13.64
CA THR A 90 9.11 -14.38 12.62
C THR A 90 8.11 -15.32 11.95
N ASP A 91 7.36 -14.75 11.00
CA ASP A 91 6.34 -15.41 10.19
C ASP A 91 5.11 -15.84 11.00
N LYS A 92 4.01 -15.10 10.83
CA LYS A 92 2.68 -15.46 11.33
C LYS A 92 1.70 -15.37 10.17
N LYS A 93 0.86 -16.38 9.99
CA LYS A 93 -0.07 -16.41 8.87
C LYS A 93 -1.28 -15.51 9.12
N PHE A 94 -1.75 -14.83 8.07
CA PHE A 94 -2.91 -13.95 8.18
C PHE A 94 -4.12 -14.66 8.77
N VAL A 95 -4.32 -15.92 8.38
CA VAL A 95 -5.52 -16.63 8.81
C VAL A 95 -5.53 -16.83 10.32
N GLU A 96 -4.35 -16.86 10.94
CA GLU A 96 -4.28 -17.03 12.39
C GLU A 96 -4.85 -15.84 13.15
N VAL A 97 -4.87 -14.66 12.53
CA VAL A 97 -5.36 -13.46 13.19
C VAL A 97 -6.73 -13.05 12.68
N PHE A 98 -7.02 -13.28 11.40
CA PHE A 98 -8.22 -12.78 10.78
C PHE A 98 -9.24 -13.85 10.44
N GLY A 99 -8.92 -15.12 10.60
CA GLY A 99 -9.74 -16.16 10.01
C GLY A 99 -9.64 -16.08 8.48
N VAL A 100 -10.39 -16.96 7.81
CA VAL A 100 -10.42 -16.90 6.35
C VAL A 100 -11.20 -15.67 5.92
N LEU A 101 -10.66 -14.95 4.94
CA LEU A 101 -11.27 -13.69 4.56
C LEU A 101 -12.64 -13.89 3.93
N GLU A 102 -12.69 -14.63 2.84
CA GLU A 102 -13.91 -14.80 2.08
C GLU A 102 -14.56 -16.14 2.41
N ASN A 103 -15.62 -16.48 1.67
CA ASN A 103 -16.28 -17.77 1.89
C ASN A 103 -15.30 -18.93 1.69
N ARG A 104 -14.30 -18.75 0.82
CA ARG A 104 -13.31 -19.77 0.55
C ARG A 104 -11.91 -19.23 0.84
N ALA A 105 -11.06 -20.08 1.40
CA ALA A 105 -9.66 -19.72 1.61
C ALA A 105 -8.96 -19.55 0.27
N ASP A 106 -7.85 -18.81 0.29
CA ASP A 106 -7.01 -18.67 -0.89
C ASP A 106 -5.59 -18.36 -0.41
N ASP A 107 -4.71 -18.05 -1.37
CA ASP A 107 -3.28 -17.93 -1.03
C ASP A 107 -3.01 -16.79 -0.06
N SER A 108 -3.82 -15.73 -0.07
CA SER A 108 -3.54 -14.59 0.81
C SER A 108 -3.74 -14.94 2.27
N ASP A 109 -4.65 -15.86 2.59
CA ASP A 109 -4.85 -16.31 3.96
C ASP A 109 -3.61 -16.95 4.56
N PHE A 110 -2.73 -17.51 3.71
CA PHE A 110 -1.59 -18.28 4.20
C PHE A 110 -0.26 -17.58 3.96
N GLN A 111 -0.28 -16.34 3.45
CA GLN A 111 0.90 -15.49 3.53
C GLN A 111 1.25 -15.22 4.99
N SER A 112 2.55 -15.03 5.25
CA SER A 112 3.02 -14.91 6.62
C SER A 112 4.12 -13.87 6.70
N PRO A 113 3.74 -12.61 6.93
CA PRO A 113 4.77 -11.58 7.18
C PRO A 113 5.48 -11.88 8.49
N ASP A 114 6.59 -11.16 8.72
CA ASP A 114 7.44 -11.48 9.86
C ASP A 114 6.74 -11.23 11.19
N ILE A 116 2.67 -10.07 12.94
CA ILE A 116 1.30 -9.56 12.90
C ILE A 116 0.92 -9.34 14.35
N ILE A 117 0.80 -8.07 14.75
CA ILE A 117 0.58 -7.71 16.15
C ILE A 117 -0.81 -7.10 16.29
N GLU A 118 -1.62 -7.66 17.18
CA GLU A 118 -2.97 -7.15 17.45
C GLU A 118 -2.99 -6.49 18.82
N THR A 119 -3.49 -5.26 18.90
CA THR A 119 -3.59 -4.55 20.17
C THR A 119 -4.99 -4.68 20.76
N GLU A 120 -5.09 -4.33 22.05
CA GLU A 120 -6.38 -4.32 22.75
C GLU A 120 -7.36 -3.36 22.11
N THR A 121 -6.87 -2.23 21.59
CA THR A 121 -7.76 -1.24 21.01
C THR A 121 -8.30 -1.66 19.65
N GLY A 122 -7.91 -2.81 19.13
CA GLY A 122 -8.44 -3.29 17.87
C GLY A 122 -7.60 -2.99 16.64
N HIS A 123 -6.36 -2.52 16.80
CA HIS A 123 -5.49 -2.24 15.68
CA HIS A 123 -5.50 -2.24 15.66
C HIS A 123 -4.56 -3.42 15.44
N VAL A 124 -4.22 -3.64 14.18
CA VAL A 124 -3.31 -4.72 13.80
C VAL A 124 -2.12 -4.09 13.10
N TYR A 125 -0.91 -4.51 13.49
CA TYR A 125 0.33 -4.04 12.88
C TYR A 125 0.98 -5.20 12.15
N VAL A 126 1.21 -5.02 10.85
CA VAL A 126 1.93 -6.01 10.05
C VAL A 126 3.34 -5.47 9.84
N VAL A 127 4.34 -6.28 10.17
CA VAL A 127 5.76 -5.88 10.09
C VAL A 127 6.53 -6.87 9.23
N GLU A 128 7.27 -6.37 8.24
CA GLU A 128 8.12 -7.23 7.42
C GLU A 128 9.55 -6.71 7.48
N PHE A 129 10.48 -7.62 7.71
CA PHE A 129 11.91 -7.35 7.70
C PHE A 129 12.54 -7.88 6.42
N THR A 130 13.58 -7.20 5.96
CA THR A 130 14.31 -7.69 4.81
C THR A 130 15.72 -7.12 4.88
N THR A 131 16.63 -7.74 4.13
CA THR A 131 18.03 -7.35 4.09
C THR A 131 18.46 -7.28 2.62
N THR A 132 19.56 -6.57 2.37
CA THR A 132 20.15 -6.54 1.03
C THR A 132 21.66 -6.45 1.16
N GLY A 134 23.25 -4.97 -1.18
CA GLY A 134 23.50 -3.76 -1.96
C GLY A 134 23.61 -2.51 -1.10
N ASP A 135 23.35 -1.36 -1.74
CA ASP A 135 23.46 -0.07 -1.09
C ASP A 135 22.07 0.45 -0.66
N ALA A 136 22.01 1.72 -0.25
CA ALA A 136 20.75 2.30 0.23
C ALA A 136 19.65 2.25 -0.84
N ASN A 137 20.02 2.47 -2.11
CA ASN A 137 19.06 2.33 -3.19
C ASN A 137 18.52 0.92 -3.31
N SER A 138 19.38 -0.09 -3.10
CA SER A 138 18.90 -1.47 -3.10
C SER A 138 18.00 -1.74 -1.90
N ALA A 139 18.27 -1.08 -0.77
CA ALA A 139 17.43 -1.23 0.41
C ALA A 139 16.05 -0.63 0.16
N ASP A 140 16.00 0.57 -0.43
CA ASP A 140 14.70 1.16 -0.76
C ASP A 140 13.91 0.26 -1.70
N LEU A 141 14.58 -0.39 -2.66
CA LEU A 141 13.87 -1.29 -3.56
C LEU A 141 13.35 -2.54 -2.84
N ALA A 142 14.14 -3.11 -1.93
CA ALA A 142 13.68 -4.28 -1.19
C ALA A 142 12.48 -3.95 -0.31
N ALA A 143 12.48 -2.78 0.33
CA ALA A 143 11.35 -2.33 1.12
C ALA A 143 10.09 -2.20 0.27
N ARG A 144 10.21 -1.58 -0.92
CA ARG A 144 9.05 -1.44 -1.79
C ARG A 144 8.58 -2.78 -2.31
N ASN A 145 9.50 -3.74 -2.51
CA ASN A 145 9.10 -5.09 -2.90
C ASN A 145 8.31 -5.79 -1.78
N LYS A 146 8.67 -5.59 -0.51
CA LYS A 146 7.89 -6.20 0.57
C LYS A 146 6.51 -5.54 0.70
N ILE A 147 6.44 -4.23 0.49
CA ILE A 147 5.13 -3.57 0.46
C ILE A 147 4.26 -4.19 -0.62
N ALA A 148 4.80 -4.32 -1.83
CA ALA A 148 4.01 -4.86 -2.93
C ALA A 148 3.61 -6.30 -2.67
N LYS A 149 4.46 -7.05 -1.96
CA LYS A 149 4.13 -8.45 -1.68
C LYS A 149 2.95 -8.59 -0.73
N TYR A 150 2.77 -7.68 0.22
CA TYR A 150 1.75 -7.85 1.24
C TYR A 150 0.61 -6.83 1.16
N GLU A 151 0.68 -5.83 0.27
CA GLU A 151 -0.28 -4.73 0.30
C GLU A 151 -1.70 -5.21 0.06
N ILE A 152 -1.89 -6.15 -0.86
CA ILE A 152 -3.22 -6.65 -1.23
C ILE A 152 -3.88 -7.37 -0.05
N ALA A 153 -3.13 -8.26 0.62
CA ALA A 153 -3.68 -8.99 1.75
C ALA A 153 -4.01 -8.05 2.90
N CYS A 154 -3.15 -7.07 3.15
CA CYS A 154 -3.42 -6.09 4.21
C CYS A 154 -4.65 -5.24 3.89
N LEU A 155 -4.76 -4.76 2.65
CA LEU A 155 -5.89 -3.93 2.27
C LEU A 155 -7.20 -4.67 2.47
N ASP A 156 -7.28 -5.91 1.95
CA ASP A 156 -8.51 -6.68 2.07
C ASP A 156 -8.84 -6.94 3.53
N ARG A 157 -7.85 -7.31 4.33
CA ARG A 157 -8.14 -7.60 5.73
C ARG A 157 -8.35 -6.33 6.55
N SER A 158 -7.99 -5.15 6.03
CA SER A 158 -8.25 -3.93 6.79
C SER A 158 -9.75 -3.64 6.91
N ALA A 159 -10.59 -4.29 6.09
CA ALA A 159 -12.03 -4.21 6.31
C ALA A 159 -12.48 -4.90 7.59
N ILE A 160 -11.65 -5.74 8.18
CA ILE A 160 -12.01 -6.42 9.44
C ILE A 160 -11.50 -5.65 10.65
N LYS A 161 -10.21 -5.36 10.67
CA LYS A 161 -9.57 -4.51 11.67
C LYS A 161 -8.59 -3.62 10.93
N PRO A 162 -8.42 -2.36 11.33
CA PRO A 162 -7.44 -1.50 10.66
C PRO A 162 -6.04 -2.08 10.78
N ILE A 163 -5.23 -1.83 9.75
CA ILE A 163 -3.88 -2.37 9.66
C ILE A 163 -2.94 -1.22 9.33
N SER A 164 -1.81 -1.19 10.03
CA SER A 164 -0.66 -0.38 9.67
C SER A 164 0.48 -1.31 9.26
N LEU A 165 1.06 -1.04 8.10
CA LEU A 165 2.06 -1.91 7.51
C LEU A 165 3.44 -1.26 7.66
N TYR A 166 4.35 -1.93 8.37
CA TYR A 166 5.69 -1.39 8.59
C TYR A 166 6.74 -2.27 7.96
N ILE A 167 7.81 -1.63 7.45
CA ILE A 167 8.94 -2.32 6.81
C ILE A 167 10.24 -1.83 7.44
N ILE A 168 11.20 -2.74 7.62
CA ILE A 168 12.59 -2.41 7.91
C ILE A 168 13.46 -3.18 6.90
N ALA A 169 14.21 -2.45 6.07
CA ALA A 169 15.16 -3.02 5.13
C ALA A 169 16.56 -2.55 5.51
N VAL A 170 17.46 -3.50 5.79
CA VAL A 170 18.80 -3.15 6.27
C VAL A 170 19.81 -3.30 5.14
N HIS A 171 20.78 -2.39 5.09
CA HIS A 171 21.97 -2.55 4.25
C HIS A 171 23.20 -2.28 5.10
N PHE A 172 24.39 -2.42 4.51
CA PHE A 172 25.61 -2.33 5.31
C PHE A 172 25.74 -0.98 6.01
N ASN A 173 25.20 0.10 5.43
CA ASN A 173 25.42 1.43 5.99
C ASN A 173 24.14 2.12 6.47
N GLY A 174 23.06 1.37 6.67
CA GLY A 174 21.89 2.00 7.29
C GLY A 174 20.62 1.19 7.11
N VAL A 175 19.49 1.89 7.17
CA VAL A 175 18.18 1.25 7.16
C VAL A 175 17.20 2.10 6.36
N VAL A 176 16.34 1.46 5.57
CA VAL A 176 15.16 2.09 5.01
C VAL A 176 13.95 1.54 5.77
N SER A 177 13.16 2.43 6.38
CA SER A 177 12.04 2.00 7.21
C SER A 177 11.03 3.13 7.35
N ASN A 178 9.75 2.76 7.52
CA ASN A 178 8.73 3.76 7.85
C ASN A 178 8.43 3.80 9.36
N LEU A 179 9.14 3.03 10.17
CA LEU A 179 9.20 3.31 11.59
C LEU A 179 10.01 4.58 11.83
N ASP A 180 9.85 5.16 13.03
CA ASP A 180 10.55 6.37 13.43
C ASP A 180 11.64 5.95 14.42
N LEU A 181 12.85 5.74 13.90
CA LEU A 181 13.92 5.08 14.63
C LEU A 181 14.96 6.08 15.12
N SER A 182 15.44 5.85 16.33
CA SER A 182 16.58 6.61 16.83
C SER A 182 17.88 6.13 16.17
N ASP A 183 18.93 6.94 16.33
CA ASP A 183 20.25 6.56 15.84
C ASP A 183 20.72 5.26 16.47
N GLU A 184 20.49 5.10 17.78
CA GLU A 184 20.87 3.88 18.47
C GLU A 184 20.11 2.68 17.94
N GLU A 185 18.83 2.85 17.60
CA GLU A 185 18.05 1.72 17.08
C GLU A 185 18.51 1.36 15.67
N VAL A 186 18.79 2.35 14.83
CA VAL A 186 19.36 2.09 13.50
C VAL A 186 20.70 1.35 13.65
N ASN A 187 21.56 1.84 14.55
CA ASN A 187 22.88 1.25 14.74
C ASN A 187 22.79 -0.20 15.24
N GLU A 188 21.83 -0.51 16.10
CA GLU A 188 21.71 -1.90 16.56
C GLU A 188 21.38 -2.83 15.40
N ILE A 189 20.44 -2.41 14.53
CA ILE A 189 20.08 -3.26 13.41
C ILE A 189 21.27 -3.45 12.47
N VAL A 190 21.96 -2.35 12.15
CA VAL A 190 23.08 -2.45 11.22
C VAL A 190 24.22 -3.28 11.82
N PHE A 191 24.54 -3.02 13.09
CA PHE A 191 25.61 -3.78 13.77
C PHE A 191 25.32 -5.27 13.77
N ARG A 192 24.08 -5.67 14.03
CA ARG A 192 23.78 -7.10 14.01
C ARG A 192 23.82 -7.64 12.60
N PHE A 193 23.37 -6.85 11.61
CA PHE A 193 23.43 -7.29 10.22
C PHE A 193 24.88 -7.51 9.78
N ARG A 194 25.76 -6.57 10.14
CA ARG A 194 27.16 -6.69 9.73
C ARG A 194 27.80 -7.94 10.33
N LEU A 195 27.55 -8.19 11.61
CA LEU A 195 28.05 -9.41 12.25
C LEU A 195 27.40 -10.65 11.65
N ALA A 196 26.10 -10.59 11.39
CA ALA A 196 25.40 -11.69 10.72
C ALA A 196 26.02 -12.02 9.37
N ARG A 197 26.40 -10.99 8.60
CA ARG A 197 27.04 -11.24 7.31
C ARG A 197 28.31 -12.06 7.48
N ASP A 198 29.15 -11.67 8.44
CA ASP A 198 30.39 -12.41 8.72
C ASP A 198 30.09 -13.87 9.06
N ILE A 199 29.27 -14.11 10.07
CA ILE A 199 28.91 -15.47 10.49
C ILE A 199 28.30 -16.27 9.34
N PHE A 200 27.67 -15.59 8.39
CA PHE A 200 27.08 -16.30 7.24
C PHE A 200 28.14 -16.79 6.27
N GLU A 201 29.12 -15.94 5.96
CA GLU A 201 30.20 -16.36 5.07
C GLU A 201 30.89 -17.62 5.59
N GLU A 202 30.91 -17.81 6.90
CA GLU A 202 31.50 -19.02 7.48
C GLU A 202 30.52 -20.19 7.39
N LEU A 203 29.26 -19.97 7.76
CA LEU A 203 28.27 -21.04 7.74
C LEU A 203 28.10 -21.61 6.34
N ARG A 204 28.17 -20.75 5.32
CA ARG A 204 27.97 -21.22 3.95
C ARG A 204 29.16 -22.04 3.48
N GLU A 205 30.37 -21.69 3.92
CA GLU A 205 31.53 -22.53 3.65
C GLU A 205 31.47 -23.87 4.38
N ILE A 206 30.72 -23.93 5.48
CA ILE A 206 30.54 -25.16 6.24
C ILE A 206 29.21 -25.79 5.86
N GLU B 3 -9.22 35.54 5.07
CA GLU B 3 -8.41 34.33 4.92
C GLU B 3 -9.15 33.09 5.41
N ARG B 4 -8.63 31.90 5.11
CA ARG B 4 -9.30 30.63 5.43
C ARG B 4 -8.74 30.07 6.72
N ILE B 5 -9.57 30.07 7.77
CA ILE B 5 -9.07 29.64 9.07
C ILE B 5 -8.75 28.15 9.08
N LEU B 6 -9.39 27.35 8.21
CA LEU B 6 -9.10 25.91 8.19
C LEU B 6 -7.66 25.60 7.79
N LYS B 7 -6.95 26.53 7.16
CA LYS B 7 -5.56 26.33 6.80
C LYS B 7 -4.60 26.60 7.96
N LYS B 8 -5.11 26.97 9.15
CA LYS B 8 -4.26 27.31 10.29
C LYS B 8 -4.28 26.25 11.39
N GLN B 9 -4.63 24.99 11.06
CA GLN B 9 -4.73 23.95 12.06
C GLN B 9 -3.39 23.27 12.29
N PRO B 10 -3.24 22.55 13.41
CA PRO B 10 -2.06 21.69 13.57
C PRO B 10 -1.97 20.68 12.44
N ALA B 11 -0.74 20.26 12.13
CA ALA B 11 -0.51 19.38 11.00
C ALA B 11 -1.11 18.00 11.24
N PRO B 12 -1.75 17.41 10.24
CA PRO B 12 -2.24 16.03 10.38
C PRO B 12 -1.11 15.04 10.17
N VAL B 13 -1.38 13.79 10.58
CA VAL B 13 -0.42 12.71 10.37
C VAL B 13 -0.10 12.57 8.89
N ARG B 14 1.19 12.50 8.57
CA ARG B 14 1.66 12.38 7.18
C ARG B 14 1.82 10.91 6.84
N ALA B 15 0.77 10.33 6.25
CA ALA B 15 0.77 8.92 5.88
C ALA B 15 -0.19 8.71 4.71
N LEU B 16 -0.11 7.53 4.14
CA LEU B 16 -1.01 7.12 3.07
C LEU B 16 -2.11 6.25 3.66
N THR B 17 -3.36 6.55 3.31
CA THR B 17 -4.54 5.80 3.75
C THR B 17 -5.20 5.18 2.51
N ILE B 18 -5.50 3.88 2.58
CA ILE B 18 -6.23 3.18 1.53
C ILE B 18 -7.39 2.46 2.19
N HIS B 19 -8.61 2.94 1.93
CA HIS B 19 -9.78 2.23 2.43
C HIS B 19 -9.99 0.96 1.62
N PRO B 20 -10.62 -0.06 2.22
CA PRO B 20 -10.73 -1.35 1.52
C PRO B 20 -11.71 -1.27 0.34
N LEU B 21 -11.38 -2.00 -0.72
CA LEU B 21 -12.27 -2.10 -1.87
C LEU B 21 -13.54 -2.87 -1.50
N ARG B 22 -14.66 -2.44 -2.09
CA ARG B 22 -15.97 -3.05 -1.88
C ARG B 22 -16.62 -3.34 -3.22
N ARG B 23 -17.45 -4.38 -3.27
CA ARG B 23 -18.15 -4.74 -4.50
C ARG B 23 -19.57 -4.21 -4.44
N TYR B 24 -19.99 -3.55 -5.51
CA TYR B 24 -21.33 -3.00 -5.63
C TYR B 24 -21.98 -3.61 -6.87
N GLU B 25 -23.26 -3.95 -6.77
CA GLU B 25 -24.02 -4.47 -7.90
C GLU B 25 -25.01 -3.41 -8.38
N SER B 26 -25.11 -3.25 -9.70
CA SER B 26 -26.08 -2.30 -10.21
C SER B 26 -27.50 -2.83 -10.01
N SER B 27 -28.45 -1.92 -9.86
CA SER B 27 -29.87 -2.25 -9.75
C SER B 27 -30.68 -1.39 -10.72
N ILE B 28 -30.23 -1.36 -11.98
CA ILE B 28 -30.92 -0.61 -13.02
C ILE B 28 -32.08 -1.45 -13.53
N TYR B 29 -33.31 -0.98 -13.31
CA TYR B 29 -34.51 -1.70 -13.70
C TYR B 29 -35.28 -0.90 -14.74
N ASP B 30 -35.65 -1.57 -15.83
CA ASP B 30 -36.54 -1.00 -16.85
C ASP B 30 -36.02 0.33 -17.37
N THR B 31 -34.71 0.42 -17.58
CA THR B 31 -34.07 1.65 -18.05
C THR B 31 -33.15 1.32 -19.20
N PRO B 32 -33.62 1.45 -20.44
CA PRO B 32 -32.78 1.16 -21.60
C PRO B 32 -31.81 2.30 -21.86
N ILE B 33 -30.74 1.99 -22.56
CA ILE B 33 -29.85 3.09 -22.94
C ILE B 33 -30.53 3.91 -24.03
N PRO B 34 -30.45 5.23 -23.98
CA PRO B 34 -31.22 6.07 -24.91
C PRO B 34 -30.74 5.91 -26.34
N ALA B 35 -31.64 6.26 -27.27
CA ALA B 35 -31.26 6.45 -28.66
C ALA B 35 -30.30 7.62 -28.82
N TYR B 36 -29.48 7.55 -29.87
CA TYR B 36 -28.51 8.61 -30.09
C TYR B 36 -28.07 8.62 -31.55
N VAL B 37 -27.50 9.74 -31.95
CA VAL B 37 -26.93 9.93 -33.28
C VAL B 37 -25.54 10.52 -33.10
N ILE B 38 -24.57 10.03 -33.87
CA ILE B 38 -23.20 10.50 -33.77
C ILE B 38 -23.00 11.60 -34.82
N LYS B 39 -22.89 12.85 -34.34
CA LYS B 39 -22.69 14.01 -35.20
C LYS B 39 -21.21 14.30 -35.37
N HIS B 40 -20.83 14.72 -36.56
N HIS B 40 -20.83 14.78 -36.55
CA HIS B 40 -19.47 15.20 -36.82
CA HIS B 40 -19.48 15.20 -36.84
C HIS B 40 -19.44 16.71 -36.62
C HIS B 40 -19.38 16.72 -36.71
N SER B 41 -18.45 17.18 -35.88
CA SER B 41 -18.35 18.57 -35.48
C SER B 41 -17.04 19.19 -35.98
N SER B 42 -16.81 20.43 -35.56
CA SER B 42 -15.59 21.15 -35.93
C SER B 42 -14.38 20.54 -35.24
N VAL B 45 -16.16 14.46 -32.43
CA VAL B 45 -17.58 14.27 -32.67
C VAL B 45 -18.39 14.68 -31.45
N THR B 46 -19.66 14.99 -31.69
CA THR B 46 -20.65 15.19 -30.65
C THR B 46 -21.66 14.05 -30.73
N ILE B 47 -22.13 13.59 -29.57
CA ILE B 47 -23.18 12.58 -29.48
C ILE B 47 -24.48 13.30 -29.17
N ASP B 48 -25.44 13.20 -30.10
CA ASP B 48 -26.77 13.76 -29.91
C ASP B 48 -27.64 12.69 -29.26
N ILE B 49 -27.98 12.87 -27.99
CA ILE B 49 -28.56 11.83 -27.16
C ILE B 49 -30.00 12.20 -26.85
N ALA B 50 -30.91 11.27 -27.12
CA ALA B 50 -32.32 11.49 -26.84
C ALA B 50 -32.55 11.41 -25.33
N THR B 51 -32.08 12.42 -24.59
CA THR B 51 -32.21 12.40 -23.13
C THR B 51 -33.64 12.57 -22.67
N SER B 52 -34.54 13.06 -23.52
CA SER B 52 -35.93 13.23 -23.10
C SER B 52 -36.60 11.92 -22.76
N GLU B 53 -36.07 10.79 -23.24
CA GLU B 53 -36.63 9.48 -23.00
C GLU B 53 -36.12 8.83 -21.72
N LEU B 54 -35.52 9.60 -20.82
CA LEU B 54 -35.01 9.05 -19.57
C LEU B 54 -35.90 9.41 -18.39
N GLN B 58 -35.15 7.70 -13.07
CA GLN B 58 -34.29 6.59 -13.44
C GLN B 58 -32.84 7.06 -13.57
N SER B 59 -31.94 6.13 -13.87
CA SER B 59 -30.54 6.47 -14.06
C SER B 59 -30.35 7.25 -15.36
N GLY B 60 -29.22 7.96 -15.44
CA GLY B 60 -28.85 8.68 -16.63
C GLY B 60 -29.11 10.17 -16.61
N SER B 61 -29.55 10.73 -15.49
CA SER B 61 -29.88 12.15 -15.45
C SER B 61 -28.67 13.06 -15.58
N THR B 62 -27.45 12.52 -15.42
CA THR B 62 -26.23 13.30 -15.60
C THR B 62 -25.82 13.41 -17.06
N ILE B 63 -26.42 12.63 -17.94
CA ILE B 63 -26.05 12.62 -19.35
C ILE B 63 -26.62 13.86 -20.02
N GLN B 64 -25.79 14.56 -20.78
CA GLN B 64 -26.28 15.79 -21.41
C GLN B 64 -26.84 15.50 -22.81
N PRO B 65 -27.75 16.35 -23.30
CA PRO B 65 -28.31 16.12 -24.64
C PRO B 65 -27.28 16.12 -25.76
N PHE B 66 -26.18 16.85 -25.61
CA PHE B 66 -25.06 16.76 -26.55
C PHE B 66 -23.79 16.52 -25.76
N GLU B 67 -23.12 15.41 -26.04
CA GLU B 67 -21.93 15.00 -25.31
C GLU B 67 -20.75 15.12 -26.27
N SER B 68 -19.86 16.06 -25.99
CA SER B 68 -18.79 16.42 -26.90
C SER B 68 -17.54 15.56 -26.69
N THR B 75 -10.02 6.75 -28.33
CA THR B 75 -9.29 5.60 -27.80
C THR B 75 -9.58 5.41 -26.31
N LEU B 76 -9.78 6.51 -25.59
CA LEU B 76 -10.18 6.48 -24.18
C LEU B 76 -11.63 6.90 -23.99
N PHE B 77 -12.45 6.75 -25.03
CA PHE B 77 -13.79 7.32 -25.00
C PHE B 77 -14.64 6.67 -23.90
N LYS B 78 -14.59 5.34 -23.79
CA LYS B 78 -15.42 4.66 -22.81
C LYS B 78 -15.06 5.11 -21.40
N HIS B 79 -13.77 5.25 -21.10
CA HIS B 79 -13.33 5.73 -19.79
C HIS B 79 -13.81 7.15 -19.55
N ASP B 80 -13.55 8.07 -20.47
CA ASP B 80 -13.86 9.47 -20.22
C ASP B 80 -15.37 9.71 -20.15
N PHE B 81 -16.16 9.10 -21.03
CA PHE B 81 -17.60 9.28 -20.94
C PHE B 81 -18.16 8.70 -19.65
N THR B 82 -17.70 7.51 -19.25
CA THR B 82 -18.29 6.83 -18.08
C THR B 82 -18.20 7.71 -16.82
N PHE B 83 -17.04 8.30 -16.58
CA PHE B 83 -16.81 9.06 -15.36
C PHE B 83 -16.91 10.58 -15.57
N GLY B 84 -17.39 11.01 -16.74
CA GLY B 84 -17.47 12.43 -17.07
C GLY B 84 -18.27 13.28 -16.10
N HIS B 85 -19.20 12.68 -15.35
CA HIS B 85 -19.94 13.47 -14.38
C HIS B 85 -19.17 13.69 -13.09
N LEU B 86 -18.02 13.05 -12.92
CA LEU B 86 -17.24 13.16 -11.69
C LEU B 86 -15.98 13.99 -11.87
N ALA B 87 -15.34 13.92 -13.03
CA ALA B 87 -14.19 14.78 -13.31
C ALA B 87 -14.21 15.12 -14.79
N ASP B 88 -14.07 16.40 -15.10
CA ASP B 88 -14.18 16.87 -16.48
C ASP B 88 -12.84 17.02 -17.18
N THR B 89 -11.86 17.63 -16.51
CA THR B 89 -10.68 18.14 -17.19
C THR B 89 -9.65 17.05 -17.51
N THR B 90 -8.44 17.48 -17.83
CA THR B 90 -7.32 16.57 -18.09
C THR B 90 -6.77 16.03 -16.77
N ASP B 91 -5.76 15.19 -16.86
CA ASP B 91 -5.18 14.54 -15.69
C ASP B 91 -4.06 15.40 -15.10
N LYS B 92 -4.03 15.49 -13.78
CA LYS B 92 -3.05 16.32 -13.08
C LYS B 92 -1.78 15.52 -12.79
N LYS B 93 -0.62 16.11 -13.05
CA LYS B 93 0.62 15.48 -12.65
C LYS B 93 0.84 15.65 -11.14
N PHE B 94 1.50 14.67 -10.53
CA PHE B 94 1.82 14.80 -9.10
C PHE B 94 2.58 16.09 -8.82
N VAL B 95 3.53 16.43 -9.70
CA VAL B 95 4.38 17.60 -9.50
C VAL B 95 3.57 18.89 -9.43
N GLU B 96 2.40 18.93 -10.08
CA GLU B 96 1.60 20.15 -10.01
C GLU B 96 1.06 20.42 -8.62
N VAL B 97 0.98 19.39 -7.78
CA VAL B 97 0.42 19.49 -6.44
C VAL B 97 1.51 19.46 -5.37
N PHE B 98 2.51 18.60 -5.55
CA PHE B 98 3.52 18.39 -4.52
C PHE B 98 4.85 19.07 -4.82
N GLY B 99 5.04 19.62 -6.02
CA GLY B 99 6.37 19.96 -6.48
C GLY B 99 7.20 18.70 -6.67
N VAL B 100 8.48 18.90 -6.97
CA VAL B 100 9.39 17.77 -7.15
C VAL B 100 9.64 17.13 -5.81
N LEU B 101 9.51 15.80 -5.76
CA LEU B 101 9.67 15.12 -4.49
C LEU B 101 11.11 15.19 -4.00
N GLU B 102 12.05 14.72 -4.81
CA GLU B 102 13.43 14.57 -4.36
C GLU B 102 14.28 15.68 -4.97
N ASN B 103 15.60 15.58 -4.78
CA ASN B 103 16.51 16.53 -5.40
C ASN B 103 16.36 16.55 -6.91
N ARG B 104 16.36 15.37 -7.52
CA ARG B 104 16.19 15.24 -8.97
C ARG B 104 14.81 14.72 -9.28
N ALA B 105 14.14 15.36 -10.24
CA ALA B 105 12.86 14.87 -10.74
C ALA B 105 13.02 13.48 -11.33
N ASP B 106 11.97 12.66 -11.19
CA ASP B 106 11.95 11.32 -11.77
C ASP B 106 10.56 11.07 -12.36
N ASP B 107 10.39 9.88 -12.94
CA ASP B 107 9.15 9.55 -13.63
C ASP B 107 7.92 9.68 -12.73
N SER B 108 8.06 9.42 -11.43
CA SER B 108 6.91 9.47 -10.53
C SER B 108 6.35 10.88 -10.41
N ASP B 109 7.19 11.92 -10.53
CA ASP B 109 6.70 13.29 -10.47
C ASP B 109 5.73 13.58 -11.62
N PHE B 110 5.85 12.85 -12.73
CA PHE B 110 5.08 13.12 -13.93
C PHE B 110 4.04 12.05 -14.22
N GLN B 111 3.80 11.13 -13.29
CA GLN B 111 2.59 10.31 -13.34
C GLN B 111 1.36 11.17 -13.08
N SER B 112 0.22 10.76 -13.64
CA SER B 112 -0.97 11.61 -13.60
C SER B 112 -2.23 10.79 -13.38
N PRO B 113 -2.63 10.58 -12.12
CA PRO B 113 -3.93 9.95 -11.82
C PRO B 113 -5.08 10.83 -12.27
N ASP B 114 -6.27 10.24 -12.27
CA ASP B 114 -7.44 10.92 -12.81
C ASP B 114 -7.81 12.17 -12.01
N ILE B 116 -6.44 14.67 -8.45
CA ILE B 116 -5.67 14.96 -7.25
C ILE B 116 -6.31 16.18 -6.61
N ILE B 117 -7.01 15.98 -5.49
CA ILE B 117 -7.82 17.02 -4.87
C ILE B 117 -7.18 17.41 -3.54
N GLU B 118 -6.93 18.70 -3.34
CA GLU B 118 -6.33 19.19 -2.09
C GLU B 118 -7.36 19.98 -1.31
N THR B 119 -7.49 19.69 -0.01
CA THR B 119 -8.44 20.40 0.84
C THR B 119 -7.72 21.47 1.66
N GLU B 120 -8.51 22.38 2.23
CA GLU B 120 -7.94 23.43 3.07
C GLU B 120 -7.26 22.87 4.30
N THR B 121 -7.84 21.81 4.88
CA THR B 121 -7.29 21.18 6.07
C THR B 121 -5.94 20.51 5.79
N GLY B 122 -5.52 20.42 4.54
CA GLY B 122 -4.22 19.89 4.19
C GLY B 122 -4.19 18.43 3.77
N HIS B 123 -5.32 17.83 3.44
CA HIS B 123 -5.36 16.45 2.96
CA HIS B 123 -5.35 16.45 2.96
C HIS B 123 -5.37 16.44 1.43
N VAL B 124 -4.80 15.38 0.86
CA VAL B 124 -4.76 15.20 -0.59
C VAL B 124 -5.49 13.90 -0.91
N TYR B 125 -6.40 13.96 -1.87
CA TYR B 125 -7.16 12.80 -2.31
C TYR B 125 -6.76 12.47 -3.74
N VAL B 126 -6.22 11.28 -3.96
CA VAL B 126 -5.86 10.80 -5.28
C VAL B 126 -6.94 9.82 -5.73
N VAL B 127 -7.53 10.08 -6.90
CA VAL B 127 -8.62 9.24 -7.40
C VAL B 127 -8.23 8.73 -8.78
N GLU B 128 -8.38 7.42 -9.00
CA GLU B 128 -8.18 6.82 -10.31
C GLU B 128 -9.42 6.03 -10.72
N PHE B 129 -9.90 6.30 -11.93
CA PHE B 129 -11.00 5.57 -12.55
C PHE B 129 -10.48 4.53 -13.54
N THR B 130 -11.20 3.42 -13.68
CA THR B 130 -10.84 2.41 -14.66
C THR B 130 -12.10 1.62 -15.03
N THR B 131 -12.00 0.88 -16.12
CA THR B 131 -13.11 0.12 -16.67
C THR B 131 -12.64 -1.30 -16.95
N THR B 132 -13.58 -2.24 -17.06
CA THR B 132 -13.25 -3.56 -17.56
C THR B 132 -14.38 -4.06 -18.44
N GLY B 134 -14.82 -7.31 -18.50
CA GLY B 134 -15.13 -8.54 -17.80
C GLY B 134 -16.20 -8.41 -16.72
N ASP B 135 -16.11 -9.26 -15.71
CA ASP B 135 -17.10 -9.29 -14.65
C ASP B 135 -16.53 -8.60 -13.40
N ALA B 136 -17.15 -8.85 -12.24
CA ALA B 136 -16.73 -8.18 -11.00
C ALA B 136 -15.33 -8.60 -10.57
N ASN B 137 -15.00 -9.88 -10.73
CA ASN B 137 -13.64 -10.34 -10.48
C ASN B 137 -12.64 -9.60 -11.35
N SER B 138 -13.01 -9.37 -12.62
CA SER B 138 -12.15 -8.61 -13.51
C SER B 138 -12.05 -7.15 -13.08
N ALA B 139 -13.13 -6.59 -12.55
CA ALA B 139 -13.06 -5.21 -12.04
C ALA B 139 -12.21 -5.12 -10.79
N ASP B 140 -12.30 -6.11 -9.91
CA ASP B 140 -11.44 -6.13 -8.73
C ASP B 140 -9.98 -6.13 -9.15
N LEU B 141 -9.62 -6.93 -10.15
CA LEU B 141 -8.24 -6.95 -10.63
C LEU B 141 -7.87 -5.62 -11.28
N ALA B 142 -8.78 -5.00 -12.04
CA ALA B 142 -8.50 -3.71 -12.62
C ALA B 142 -8.23 -2.67 -11.52
N ALA B 143 -9.00 -2.72 -10.43
CA ALA B 143 -8.80 -1.80 -9.32
C ALA B 143 -7.44 -2.03 -8.64
N ARG B 144 -7.05 -3.29 -8.44
CA ARG B 144 -5.74 -3.57 -7.83
C ARG B 144 -4.60 -3.15 -8.73
N ASN B 145 -4.77 -3.28 -10.05
CA ASN B 145 -3.72 -2.84 -10.96
C ASN B 145 -3.52 -1.32 -10.87
N LYS B 146 -4.58 -0.54 -10.64
CA LYS B 146 -4.40 0.91 -10.49
C LYS B 146 -3.80 1.26 -9.14
N ILE B 147 -4.15 0.54 -8.07
CA ILE B 147 -3.48 0.76 -6.80
C ILE B 147 -1.98 0.53 -6.95
N ALA B 148 -1.59 -0.58 -7.59
CA ALA B 148 -0.18 -0.89 -7.79
C ALA B 148 0.51 0.18 -8.64
N LYS B 149 -0.20 0.69 -9.64
CA LYS B 149 0.39 1.73 -10.48
C LYS B 149 0.78 2.98 -9.69
N TYR B 150 -0.04 3.36 -8.70
CA TYR B 150 0.12 4.65 -8.04
C TYR B 150 0.58 4.57 -6.58
N GLU B 151 0.66 3.38 -5.99
CA GLU B 151 0.91 3.28 -4.56
C GLU B 151 2.26 3.87 -4.16
N ILE B 152 3.32 3.60 -4.93
CA ILE B 152 4.65 4.11 -4.62
C ILE B 152 4.66 5.62 -4.57
N ALA B 153 4.19 6.25 -5.65
CA ALA B 153 4.19 7.69 -5.77
C ALA B 153 3.38 8.34 -4.65
N CYS B 154 2.23 7.76 -4.30
CA CYS B 154 1.42 8.29 -3.21
C CYS B 154 2.12 8.11 -1.87
N LEU B 155 2.68 6.93 -1.64
CA LEU B 155 3.38 6.69 -0.38
C LEU B 155 4.47 7.72 -0.16
N ASP B 156 5.32 7.91 -1.18
CA ASP B 156 6.46 8.81 -1.04
C ASP B 156 5.99 10.24 -0.81
N ARG B 157 4.93 10.66 -1.52
CA ARG B 157 4.48 12.03 -1.36
C ARG B 157 3.62 12.23 -0.12
N SER B 158 3.18 11.14 0.52
CA SER B 158 2.44 11.31 1.78
C SER B 158 3.34 11.87 2.89
N ALA B 159 4.66 11.83 2.72
CA ALA B 159 5.56 12.55 3.62
C ALA B 159 5.39 14.06 3.54
N ILE B 160 4.84 14.58 2.45
CA ILE B 160 4.61 16.02 2.33
C ILE B 160 3.26 16.43 2.87
N LYS B 161 2.19 15.76 2.41
CA LYS B 161 0.85 15.91 2.93
C LYS B 161 0.18 14.54 2.91
N PRO B 162 -0.68 14.24 3.87
CA PRO B 162 -1.34 12.93 3.88
C PRO B 162 -2.18 12.75 2.63
N ILE B 163 -2.22 11.50 2.16
CA ILE B 163 -2.95 11.13 0.94
C ILE B 163 -3.93 10.01 1.26
N SER B 164 -5.15 10.12 0.74
CA SER B 164 -6.06 8.98 0.65
C SER B 164 -6.19 8.59 -0.81
N LEU B 165 -6.02 7.30 -1.10
CA LEU B 165 -6.06 6.80 -2.47
C LEU B 165 -7.39 6.08 -2.70
N TYR B 166 -8.16 6.55 -3.67
CA TYR B 166 -9.45 5.97 -3.99
C TYR B 166 -9.48 5.49 -5.43
N ILE B 167 -10.25 4.42 -5.67
CA ILE B 167 -10.38 3.77 -6.96
C ILE B 167 -11.87 3.56 -7.26
N ILE B 168 -12.26 3.71 -8.52
CA ILE B 168 -13.55 3.25 -9.03
C ILE B 168 -13.28 2.40 -10.27
N ALA B 169 -13.67 1.14 -10.23
CA ALA B 169 -13.57 0.24 -11.38
C ALA B 169 -14.96 -0.20 -11.77
N VAL B 170 -15.37 0.12 -13.00
CA VAL B 170 -16.71 -0.21 -13.47
C VAL B 170 -16.69 -1.46 -14.34
N HIS B 171 -17.74 -2.26 -14.23
CA HIS B 171 -18.03 -3.31 -15.19
C HIS B 171 -19.52 -3.25 -15.54
N PHE B 172 -19.94 -4.15 -16.43
CA PHE B 172 -21.31 -4.06 -16.96
C PHE B 172 -22.38 -4.15 -15.88
N ASN B 173 -22.11 -4.84 -14.75
CA ASN B 173 -23.14 -5.08 -13.75
C ASN B 173 -22.80 -4.48 -12.38
N GLY B 174 -21.84 -3.56 -12.31
CA GLY B 174 -21.60 -2.95 -11.03
C GLY B 174 -20.27 -2.23 -11.00
N VAL B 175 -19.79 -2.01 -9.77
CA VAL B 175 -18.60 -1.21 -9.52
C VAL B 175 -17.82 -1.85 -8.38
N VAL B 176 -16.48 -1.83 -8.49
CA VAL B 176 -15.60 -2.17 -7.37
C VAL B 176 -14.91 -0.87 -6.96
N SER B 177 -15.09 -0.45 -5.71
CA SER B 177 -14.60 0.87 -5.29
C SER B 177 -14.38 0.87 -3.79
N ASN B 178 -13.42 1.68 -3.32
CA ASN B 178 -13.31 1.89 -1.89
C ASN B 178 -13.96 3.20 -1.43
N LEU B 179 -14.66 3.90 -2.32
CA LEU B 179 -15.60 4.91 -1.88
C LEU B 179 -16.85 4.23 -1.33
N ASP B 180 -17.62 4.98 -0.54
CA ASP B 180 -18.86 4.50 0.07
C ASP B 180 -20.00 5.04 -0.80
N LEU B 181 -20.49 4.21 -1.72
CA LEU B 181 -21.34 4.65 -2.82
C LEU B 181 -22.78 4.23 -2.55
N SER B 182 -23.72 5.10 -2.92
CA SER B 182 -25.13 4.76 -2.86
C SER B 182 -25.52 3.94 -4.09
N ASP B 183 -26.70 3.31 -4.02
CA ASP B 183 -27.20 2.56 -5.16
C ASP B 183 -27.37 3.43 -6.40
N GLU B 184 -27.87 4.66 -6.21
CA GLU B 184 -28.05 5.57 -7.33
C GLU B 184 -26.71 6.01 -7.91
N GLU B 185 -25.69 6.19 -7.07
CA GLU B 185 -24.37 6.56 -7.58
C GLU B 185 -23.74 5.41 -8.36
N VAL B 186 -23.85 4.18 -7.85
CA VAL B 186 -23.35 3.02 -8.59
C VAL B 186 -24.07 2.90 -9.94
N ASN B 187 -25.40 3.03 -9.93
CA ASN B 187 -26.19 2.86 -11.14
C ASN B 187 -25.81 3.88 -12.20
N GLU B 188 -25.48 5.12 -11.80
CA GLU B 188 -25.15 6.13 -12.79
C GLU B 188 -23.85 5.79 -13.51
N ILE B 189 -22.86 5.30 -12.77
CA ILE B 189 -21.59 4.93 -13.40
C ILE B 189 -21.81 3.77 -14.35
N VAL B 190 -22.53 2.75 -13.90
CA VAL B 190 -22.77 1.58 -14.74
C VAL B 190 -23.57 1.97 -15.98
N PHE B 191 -24.64 2.73 -15.78
CA PHE B 191 -25.49 3.14 -16.90
C PHE B 191 -24.68 3.91 -17.94
N ARG B 192 -23.85 4.87 -17.48
CA ARG B 192 -23.02 5.61 -18.42
C ARG B 192 -22.03 4.70 -19.15
N PHE B 193 -21.49 3.70 -18.44
CA PHE B 193 -20.59 2.72 -19.07
C PHE B 193 -21.29 1.92 -20.15
N ARG B 194 -22.52 1.47 -19.86
CA ARG B 194 -23.29 0.71 -20.85
C ARG B 194 -23.58 1.54 -22.10
N LEU B 195 -23.95 2.80 -21.92
CA LEU B 195 -24.14 3.69 -23.07
C LEU B 195 -22.82 3.90 -23.80
N ALA B 196 -21.74 4.12 -23.05
CA ALA B 196 -20.44 4.38 -23.69
C ALA B 196 -19.99 3.20 -24.55
N ARG B 197 -20.19 1.97 -24.06
CA ARG B 197 -19.76 0.81 -24.85
C ARG B 197 -20.55 0.70 -26.14
N ASP B 198 -21.84 1.00 -26.08
CA ASP B 198 -22.68 0.95 -27.27
C ASP B 198 -22.25 1.99 -28.29
N ILE B 199 -22.03 3.23 -27.83
CA ILE B 199 -21.53 4.26 -28.72
C ILE B 199 -20.20 3.84 -29.33
N PHE B 200 -19.30 3.30 -28.49
CA PHE B 200 -17.97 2.94 -28.94
C PHE B 200 -18.01 1.91 -30.05
N GLU B 201 -18.89 0.90 -29.94
CA GLU B 201 -18.93 -0.10 -30.99
C GLU B 201 -19.44 0.49 -32.30
N GLU B 202 -20.27 1.54 -32.23
CA GLU B 202 -20.67 2.26 -33.45
C GLU B 202 -19.52 3.10 -33.99
N LEU B 203 -18.79 3.80 -33.12
CA LEU B 203 -17.61 4.52 -33.56
C LEU B 203 -16.60 3.61 -34.25
N ARG B 204 -16.52 2.34 -33.85
CA ARG B 204 -15.61 1.42 -34.51
C ARG B 204 -16.03 1.16 -35.95
N GLU B 205 -17.34 1.06 -36.20
CA GLU B 205 -17.84 0.89 -37.56
C GLU B 205 -17.79 2.17 -38.39
N ILE B 206 -17.18 3.24 -37.86
CA ILE B 206 -17.08 4.50 -38.60
C ILE B 206 -15.63 4.97 -38.64
#